data_2RLJ
#
_entry.id   2RLJ
#
_entity_poly.entity_id   1
_entity_poly.type   'polypeptide(L)'
_entity_poly.pdbx_seq_one_letter_code
;GAAIGLAWIPYFGPAA
;
_entity_poly.pdbx_strand_id   A
#
# COMPACT_ATOMS: atom_id res chain seq x y z
N GLY A 1 4.67 -2.20 8.90
CA GLY A 1 5.82 -2.91 8.29
C GLY A 1 6.29 -2.28 7.01
N ALA A 2 5.34 -1.92 6.15
CA ALA A 2 5.66 -1.29 4.87
C ALA A 2 6.51 -2.22 4.01
N ALA A 3 6.32 -3.52 4.17
CA ALA A 3 7.07 -4.51 3.41
C ALA A 3 6.20 -5.15 2.34
N ILE A 4 5.24 -5.98 2.77
CA ILE A 4 4.34 -6.64 1.85
C ILE A 4 2.93 -6.73 2.43
N GLY A 5 2.85 -7.05 3.71
CA GLY A 5 1.56 -7.17 4.37
C GLY A 5 0.71 -5.92 4.20
N LEU A 6 1.36 -4.78 3.94
CA LEU A 6 0.65 -3.53 3.75
C LEU A 6 0.94 -2.94 2.37
N ALA A 7 0.55 -3.68 1.33
CA ALA A 7 0.76 -3.23 -0.04
C ALA A 7 -0.55 -3.09 -0.80
N TRP A 8 -1.54 -2.50 -0.15
CA TRP A 8 -2.85 -2.29 -0.74
C TRP A 8 -3.23 -0.81 -0.68
N ILE A 9 -2.81 -0.17 0.40
CA ILE A 9 -3.10 1.23 0.63
C ILE A 9 -2.49 2.15 -0.43
N PRO A 10 -1.27 1.86 -0.95
CA PRO A 10 -0.62 2.70 -1.96
C PRO A 10 -1.61 3.23 -3.01
N TYR A 11 -2.69 2.47 -3.22
CA TYR A 11 -3.72 2.87 -4.17
C TYR A 11 -4.34 4.19 -3.76
N PHE A 12 -4.51 4.39 -2.46
CA PHE A 12 -5.09 5.61 -1.92
C PHE A 12 -4.01 6.70 -1.78
N GLY A 13 -2.79 6.26 -1.52
CA GLY A 13 -1.69 7.19 -1.35
C GLY A 13 -0.79 6.83 -0.18
N PRO A 14 0.52 6.61 -0.42
CA PRO A 14 1.46 6.26 0.63
C PRO A 14 1.39 7.21 1.82
N ALA A 15 1.23 8.49 1.53
CA ALA A 15 1.14 9.51 2.57
C ALA A 15 -0.30 9.96 2.78
N ALA A 16 -1.17 8.99 3.05
CA ALA A 16 -2.59 9.28 3.28
C ALA A 16 -2.78 10.21 4.47
N GLY A 1 4.94 -7.01 -6.42
CA GLY A 1 5.46 -6.52 -5.12
C GLY A 1 5.67 -7.64 -4.12
N ALA A 2 6.22 -7.30 -2.95
CA ALA A 2 6.47 -8.28 -1.92
C ALA A 2 5.20 -8.58 -1.12
N ALA A 3 4.35 -7.58 -0.97
CA ALA A 3 3.10 -7.74 -0.23
C ALA A 3 3.36 -8.18 1.21
N ILE A 4 3.93 -7.27 2.00
CA ILE A 4 4.24 -7.56 3.39
C ILE A 4 3.01 -7.38 4.29
N GLY A 5 1.88 -7.02 3.68
CA GLY A 5 0.67 -6.81 4.45
C GLY A 5 0.09 -5.42 4.25
N LEU A 6 0.91 -4.49 3.76
CA LEU A 6 0.47 -3.13 3.52
C LEU A 6 0.77 -2.70 2.08
N ALA A 7 0.51 -3.60 1.14
CA ALA A 7 0.75 -3.32 -0.27
C ALA A 7 -0.56 -2.97 -0.99
N TRP A 8 -1.57 -2.58 -0.23
CA TRP A 8 -2.85 -2.21 -0.79
C TRP A 8 -3.12 -0.72 -0.62
N ILE A 9 -2.72 -0.20 0.54
CA ILE A 9 -2.93 1.20 0.86
C ILE A 9 -2.36 2.14 -0.21
N PRO A 10 -1.15 1.87 -0.75
CA PRO A 10 -0.56 2.72 -1.79
C PRO A 10 -1.58 3.14 -2.84
N TYR A 11 -2.59 2.30 -3.02
CA TYR A 11 -3.67 2.58 -3.96
C TYR A 11 -4.32 3.93 -3.68
N PHE A 12 -4.48 4.23 -2.39
CA PHE A 12 -5.07 5.50 -1.98
C PHE A 12 -4.05 6.64 -2.02
N GLY A 13 -2.79 6.29 -1.79
CA GLY A 13 -1.74 7.29 -1.80
C GLY A 13 -0.58 6.94 -0.89
N PRO A 14 0.59 6.58 -1.46
CA PRO A 14 1.77 6.22 -0.68
C PRO A 14 2.35 7.41 0.08
N ALA A 15 2.15 8.61 -0.46
CA ALA A 15 2.65 9.83 0.16
C ALA A 15 1.67 10.39 1.17
N ALA A 16 0.40 9.99 1.04
CA ALA A 16 -0.65 10.45 1.93
C ALA A 16 -0.72 9.58 3.19
N GLY A 1 -4.45 -6.41 0.37
CA GLY A 1 -2.98 -6.61 0.51
C GLY A 1 -2.51 -7.86 -0.22
N ALA A 2 -2.26 -8.92 0.55
CA ALA A 2 -1.79 -10.19 -0.03
C ALA A 2 -0.44 -10.00 -0.72
N ALA A 3 0.58 -9.66 0.07
CA ALA A 3 1.91 -9.47 -0.47
C ALA A 3 2.94 -9.28 0.65
N ILE A 4 2.96 -8.08 1.22
CA ILE A 4 3.89 -7.76 2.30
C ILE A 4 3.15 -7.48 3.61
N GLY A 5 1.87 -7.18 3.50
CA GLY A 5 1.06 -6.90 4.68
C GLY A 5 0.45 -5.51 4.64
N LEU A 6 0.97 -4.65 3.77
CA LEU A 6 0.46 -3.30 3.64
C LEU A 6 0.68 -2.78 2.22
N ALA A 7 0.64 -3.69 1.25
CA ALA A 7 0.83 -3.32 -0.14
C ALA A 7 -0.51 -3.14 -0.86
N TRP A 8 -1.45 -2.52 -0.16
CA TRP A 8 -2.78 -2.27 -0.71
C TRP A 8 -3.14 -0.79 -0.61
N ILE A 9 -2.66 -0.17 0.47
CA ILE A 9 -2.93 1.22 0.73
C ILE A 9 -2.36 2.15 -0.35
N PRO A 10 -1.16 1.87 -0.92
CA PRO A 10 -0.57 2.72 -1.95
C PRO A 10 -1.60 3.20 -2.98
N TYR A 11 -2.67 2.41 -3.12
CA TYR A 11 -3.74 2.75 -4.05
C TYR A 11 -4.38 4.08 -3.66
N PHE A 12 -4.51 4.31 -2.36
CA PHE A 12 -5.11 5.55 -1.87
C PHE A 12 -4.12 6.71 -1.99
N GLY A 13 -2.82 6.40 -1.95
CA GLY A 13 -1.81 7.43 -2.06
C GLY A 13 -0.69 7.04 -3.01
N PRO A 14 -0.95 7.03 -4.32
CA PRO A 14 0.05 6.68 -5.33
C PRO A 14 1.29 7.57 -5.26
N ALA A 15 1.14 8.83 -5.68
CA ALA A 15 2.25 9.78 -5.66
C ALA A 15 3.42 9.27 -6.49
N ALA A 16 3.50 9.75 -7.73
CA ALA A 16 4.58 9.35 -8.63
C ALA A 16 4.77 10.36 -9.75
N GLY A 1 1.13 -7.78 -6.52
CA GLY A 1 1.81 -8.98 -5.96
C GLY A 1 3.03 -8.62 -5.13
N ALA A 2 2.80 -8.12 -3.92
CA ALA A 2 3.88 -7.73 -3.03
C ALA A 2 3.95 -8.65 -1.82
N ALA A 3 2.79 -8.95 -1.24
CA ALA A 3 2.71 -9.81 -0.07
C ALA A 3 3.51 -9.24 1.09
N ILE A 4 3.26 -7.98 1.41
CA ILE A 4 3.96 -7.31 2.50
C ILE A 4 3.03 -7.05 3.68
N GLY A 5 1.72 -7.11 3.43
CA GLY A 5 0.75 -6.88 4.48
C GLY A 5 0.28 -5.43 4.51
N LEU A 6 0.75 -4.63 3.56
CA LEU A 6 0.38 -3.23 3.49
C LEU A 6 0.60 -2.67 2.09
N ALA A 7 0.49 -3.55 1.09
CA ALA A 7 0.69 -3.15 -0.30
C ALA A 7 -0.63 -2.77 -0.96
N TRP A 8 -1.61 -2.41 -0.14
CA TRP A 8 -2.92 -2.02 -0.65
C TRP A 8 -3.12 -0.52 -0.51
N ILE A 9 -2.63 0.03 0.59
CA ILE A 9 -2.75 1.48 0.84
C ILE A 9 -2.16 2.30 -0.29
N PRO A 10 -0.99 1.92 -0.85
CA PRO A 10 -0.39 2.66 -1.96
C PRO A 10 -1.44 3.04 -2.99
N TYR A 11 -2.48 2.20 -3.07
CA TYR A 11 -3.59 2.42 -3.98
C TYR A 11 -4.22 3.78 -3.71
N PHE A 12 -4.61 4.02 -2.47
CA PHE A 12 -5.23 5.28 -2.10
C PHE A 12 -4.28 6.18 -1.31
N GLY A 13 -2.99 5.92 -1.43
CA GLY A 13 -2.01 6.74 -0.73
C GLY A 13 -0.60 6.50 -1.20
N PRO A 14 -0.24 6.99 -2.41
CA PRO A 14 1.10 6.82 -2.97
C PRO A 14 2.19 7.34 -2.04
N ALA A 15 2.16 8.64 -1.77
CA ALA A 15 3.15 9.26 -0.89
C ALA A 15 2.61 9.38 0.53
N ALA A 16 2.49 8.25 1.21
CA ALA A 16 1.99 8.23 2.59
C ALA A 16 2.05 6.82 3.17
N GLY A 1 -3.68 -7.25 -3.93
CA GLY A 1 -3.04 -6.41 -2.88
C GLY A 1 -2.73 -7.18 -1.62
N ALA A 2 -1.93 -8.23 -1.75
CA ALA A 2 -1.55 -9.05 -0.61
C ALA A 2 -0.14 -9.63 -0.78
N ALA A 3 0.71 -8.89 -1.49
CA ALA A 3 2.08 -9.33 -1.72
C ALA A 3 2.88 -9.32 -0.42
N ILE A 4 2.73 -8.24 0.36
CA ILE A 4 3.43 -8.11 1.62
C ILE A 4 2.46 -8.01 2.79
N GLY A 5 1.17 -7.90 2.47
CA GLY A 5 0.17 -7.77 3.50
C GLY A 5 -0.05 -6.32 3.88
N LEU A 6 0.88 -5.45 3.49
CA LEU A 6 0.77 -4.02 3.77
C LEU A 6 0.98 -3.19 2.52
N ALA A 7 0.72 -3.80 1.36
CA ALA A 7 0.87 -3.10 0.08
C ALA A 7 -0.45 -2.98 -0.64
N TRP A 8 -1.41 -2.30 -0.01
CA TRP A 8 -2.72 -2.09 -0.57
C TRP A 8 -3.10 -0.61 -0.53
N ILE A 9 -2.68 0.05 0.54
CA ILE A 9 -2.96 1.45 0.75
C ILE A 9 -2.42 2.35 -0.38
N PRO A 10 -1.21 2.06 -0.93
CA PRO A 10 -0.65 2.87 -2.02
C PRO A 10 -1.70 3.27 -3.04
N TYR A 11 -2.72 2.42 -3.19
CA TYR A 11 -3.81 2.67 -4.11
C TYR A 11 -4.43 4.04 -3.83
N PHE A 12 -4.66 4.34 -2.56
CA PHE A 12 -5.25 5.62 -2.16
C PHE A 12 -4.21 6.74 -2.17
N GLY A 13 -2.97 6.42 -2.51
CA GLY A 13 -1.92 7.42 -2.54
C GLY A 13 -1.38 7.65 -3.94
N PRO A 14 -2.25 8.01 -4.90
CA PRO A 14 -1.83 8.25 -6.29
C PRO A 14 -0.98 9.51 -6.42
N ALA A 15 0.32 9.33 -6.65
CA ALA A 15 1.24 10.44 -6.80
C ALA A 15 2.12 10.27 -8.03
N ALA A 16 3.17 9.49 -7.90
CA ALA A 16 4.10 9.23 -8.98
C ALA A 16 3.97 7.80 -9.49
N GLY A 1 2.21 -7.04 -7.19
CA GLY A 1 1.79 -7.87 -6.02
C GLY A 1 2.91 -8.08 -5.04
N ALA A 2 2.56 -8.51 -3.83
CA ALA A 2 3.55 -8.77 -2.78
C ALA A 2 2.93 -9.53 -1.61
N ALA A 3 1.72 -9.13 -1.22
CA ALA A 3 1.03 -9.77 -0.12
C ALA A 3 1.83 -9.69 1.17
N ILE A 4 2.03 -8.46 1.66
CA ILE A 4 2.80 -8.24 2.88
C ILE A 4 1.90 -7.71 4.00
N GLY A 5 0.73 -7.20 3.62
CA GLY A 5 -0.19 -6.66 4.60
C GLY A 5 -0.32 -5.15 4.51
N LEU A 6 0.59 -4.52 3.76
CA LEU A 6 0.57 -3.08 3.61
C LEU A 6 0.81 -2.68 2.15
N ALA A 7 0.63 -3.63 1.24
CA ALA A 7 0.82 -3.38 -0.18
C ALA A 7 -0.51 -3.18 -0.89
N TRP A 8 -1.45 -2.56 -0.19
CA TRP A 8 -2.78 -2.31 -0.74
C TRP A 8 -3.13 -0.83 -0.62
N ILE A 9 -2.66 -0.22 0.46
CA ILE A 9 -2.93 1.18 0.74
C ILE A 9 -2.36 2.12 -0.34
N PRO A 10 -1.16 1.83 -0.91
CA PRO A 10 -0.56 2.68 -1.94
C PRO A 10 -1.59 3.17 -2.96
N TYR A 11 -2.66 2.41 -3.11
CA TYR A 11 -3.74 2.76 -4.03
C TYR A 11 -4.37 4.08 -3.63
N PHE A 12 -4.50 4.30 -2.33
CA PHE A 12 -5.09 5.53 -1.82
C PHE A 12 -4.09 6.69 -1.91
N GLY A 13 -2.80 6.36 -1.86
CA GLY A 13 -1.78 7.38 -1.95
C GLY A 13 -0.94 7.26 -3.21
N PRO A 14 -1.35 7.93 -4.30
CA PRO A 14 -0.63 7.88 -5.58
C PRO A 14 0.71 8.62 -5.50
N ALA A 15 1.49 8.51 -6.56
CA ALA A 15 2.80 9.16 -6.62
C ALA A 15 2.79 10.32 -7.62
N ALA A 16 3.39 11.44 -7.23
CA ALA A 16 3.45 12.61 -8.09
C ALA A 16 4.86 13.15 -8.18
N GLY A 1 9.99 -4.67 4.67
CA GLY A 1 10.28 -3.76 3.51
C GLY A 1 9.63 -4.23 2.23
N ALA A 2 8.77 -3.40 1.67
CA ALA A 2 8.08 -3.73 0.43
C ALA A 2 7.25 -5.02 0.58
N ALA A 3 6.87 -5.32 1.81
CA ALA A 3 6.08 -6.52 2.09
C ALA A 3 5.71 -6.60 3.57
N ILE A 4 5.40 -5.45 4.16
CA ILE A 4 5.03 -5.38 5.56
C ILE A 4 3.55 -5.65 5.77
N GLY A 5 2.86 -6.04 4.71
CA GLY A 5 1.44 -6.33 4.82
C GLY A 5 0.56 -5.21 4.27
N LEU A 6 1.17 -4.05 4.02
CA LEU A 6 0.43 -2.91 3.49
C LEU A 6 0.76 -2.68 2.02
N ALA A 7 0.46 -3.67 1.20
CA ALA A 7 0.72 -3.58 -0.24
C ALA A 7 -0.56 -3.29 -1.02
N TRP A 8 -1.51 -2.65 -0.35
CA TRP A 8 -2.79 -2.31 -0.95
C TRP A 8 -3.11 -0.85 -0.74
N ILE A 9 -2.75 -0.36 0.45
CA ILE A 9 -3.01 1.02 0.82
C ILE A 9 -2.44 2.03 -0.19
N PRO A 10 -1.22 1.78 -0.76
CA PRO A 10 -0.62 2.69 -1.74
C PRO A 10 -1.65 3.18 -2.75
N TYR A 11 -2.67 2.36 -3.01
CA TYR A 11 -3.73 2.71 -3.93
C TYR A 11 -4.26 4.11 -3.64
N PHE A 12 -4.49 4.38 -2.36
CA PHE A 12 -5.00 5.68 -1.95
C PHE A 12 -3.90 6.74 -2.01
N GLY A 13 -2.65 6.31 -1.84
CA GLY A 13 -1.53 7.23 -1.87
C GLY A 13 -1.29 7.79 -3.27
N PRO A 14 -0.13 7.47 -3.89
CA PRO A 14 0.19 7.96 -5.23
C PRO A 14 -0.81 7.50 -6.28
N ALA A 15 -0.90 6.19 -6.48
CA ALA A 15 -1.83 5.62 -7.45
C ALA A 15 -1.55 6.17 -8.86
N ALA A 16 -0.47 5.68 -9.47
CA ALA A 16 -0.09 6.11 -10.81
C ALA A 16 -0.59 5.12 -11.86
N GLY A 1 -7.16 -7.45 7.46
CA GLY A 1 -6.15 -8.50 7.77
C GLY A 1 -4.76 -7.93 7.95
N ALA A 2 -3.84 -8.76 8.44
CA ALA A 2 -2.46 -8.33 8.66
C ALA A 2 -1.48 -9.28 7.99
N ALA A 3 -1.88 -9.81 6.83
CA ALA A 3 -1.02 -10.74 6.09
C ALA A 3 -1.17 -10.53 4.59
N ILE A 4 -1.35 -9.28 4.18
CA ILE A 4 -1.50 -8.94 2.77
C ILE A 4 -0.23 -8.32 2.21
N GLY A 5 0.62 -7.81 3.10
CA GLY A 5 1.86 -7.20 2.67
C GLY A 5 1.84 -5.69 2.76
N LEU A 6 0.82 -5.14 3.43
CA LEU A 6 0.68 -3.70 3.59
C LEU A 6 0.89 -2.97 2.26
N ALA A 7 0.55 -3.64 1.17
CA ALA A 7 0.69 -3.06 -0.16
C ALA A 7 -0.67 -2.79 -0.79
N TRP A 8 -1.60 -2.33 0.01
CA TRP A 8 -2.95 -2.02 -0.46
C TRP A 8 -3.22 -0.53 -0.41
N ILE A 9 -2.67 0.12 0.61
CA ILE A 9 -2.86 1.55 0.78
C ILE A 9 -2.24 2.38 -0.34
N PRO A 10 -1.05 2.01 -0.86
CA PRO A 10 -0.40 2.75 -1.95
C PRO A 10 -1.40 3.19 -3.02
N TYR A 11 -2.45 2.37 -3.17
CA TYR A 11 -3.50 2.65 -4.13
C TYR A 11 -4.23 3.94 -3.75
N PHE A 12 -4.70 4.00 -2.50
CA PHE A 12 -5.40 5.17 -2.01
C PHE A 12 -4.47 6.39 -1.97
N GLY A 13 -3.16 6.15 -2.07
CA GLY A 13 -2.21 7.25 -2.04
C GLY A 13 -1.49 7.35 -0.71
N PRO A 14 -0.21 6.96 -0.64
CA PRO A 14 0.58 7.02 0.60
C PRO A 14 0.55 8.42 1.22
N ALA A 15 0.73 8.48 2.53
CA ALA A 15 0.74 9.74 3.25
C ALA A 15 2.14 10.17 3.64
N ALA A 16 2.25 11.30 4.33
CA ALA A 16 3.54 11.80 4.77
C ALA A 16 3.64 11.80 6.29
N GLY A 1 -2.62 -7.91 1.51
CA GLY A 1 -1.48 -7.20 0.89
C GLY A 1 -0.88 -7.98 -0.27
N ALA A 2 -1.01 -9.30 -0.23
CA ALA A 2 -0.48 -10.16 -1.27
C ALA A 2 1.04 -10.02 -1.38
N ALA A 3 1.67 -9.72 -0.26
CA ALA A 3 3.12 -9.56 -0.22
C ALA A 3 3.61 -9.32 1.20
N ILE A 4 3.33 -8.13 1.72
CA ILE A 4 3.75 -7.77 3.06
C ILE A 4 2.54 -7.52 3.98
N GLY A 5 1.37 -7.37 3.36
CA GLY A 5 0.16 -7.13 4.13
C GLY A 5 -0.20 -5.65 4.17
N LEU A 6 0.70 -4.80 3.69
CA LEU A 6 0.47 -3.36 3.67
C LEU A 6 0.69 -2.80 2.27
N ALA A 7 0.74 -3.68 1.27
CA ALA A 7 0.95 -3.26 -0.11
C ALA A 7 -0.39 -3.09 -0.84
N TRP A 8 -1.36 -2.51 -0.15
CA TRP A 8 -2.69 -2.29 -0.72
C TRP A 8 -3.06 -0.81 -0.60
N ILE A 9 -2.64 -0.21 0.49
CA ILE A 9 -2.93 1.19 0.77
C ILE A 9 -2.41 2.13 -0.33
N PRO A 10 -1.22 1.88 -0.92
CA PRO A 10 -0.68 2.75 -1.98
C PRO A 10 -1.75 3.21 -2.96
N TYR A 11 -2.77 2.38 -3.12
CA TYR A 11 -3.89 2.70 -4.01
C TYR A 11 -4.47 4.07 -3.68
N PHE A 12 -4.50 4.39 -2.39
CA PHE A 12 -5.01 5.68 -1.93
C PHE A 12 -3.96 6.77 -2.08
N GLY A 13 -2.69 6.39 -1.87
CA GLY A 13 -1.62 7.36 -1.98
C GLY A 13 -1.34 8.07 -0.67
N PRO A 14 -0.62 7.41 0.26
CA PRO A 14 -0.29 8.00 1.57
C PRO A 14 0.73 9.13 1.45
N ALA A 15 0.76 10.00 2.46
CA ALA A 15 1.68 11.12 2.47
C ALA A 15 2.78 10.93 3.51
N ALA A 16 3.98 11.40 3.20
CA ALA A 16 5.11 11.27 4.12
C ALA A 16 5.46 12.62 4.74
N GLY A 1 -2.27 -11.47 5.12
CA GLY A 1 -1.07 -10.93 4.44
C GLY A 1 -0.45 -11.91 3.46
N ALA A 2 -0.34 -11.50 2.20
CA ALA A 2 0.23 -12.36 1.17
C ALA A 2 1.45 -11.70 0.51
N ALA A 3 1.31 -10.41 0.22
CA ALA A 3 2.41 -9.67 -0.41
C ALA A 3 3.42 -9.19 0.62
N ILE A 4 3.15 -8.05 1.26
CA ILE A 4 4.05 -7.51 2.26
C ILE A 4 3.32 -7.21 3.58
N GLY A 5 1.99 -7.13 3.51
CA GLY A 5 1.21 -6.87 4.71
C GLY A 5 0.62 -5.47 4.71
N LEU A 6 1.04 -4.64 3.77
CA LEU A 6 0.54 -3.27 3.66
C LEU A 6 0.68 -2.76 2.23
N ALA A 7 0.62 -3.68 1.27
CA ALA A 7 0.76 -3.31 -0.14
C ALA A 7 -0.61 -3.17 -0.80
N TRP A 8 -1.52 -2.51 -0.09
CA TRP A 8 -2.88 -2.29 -0.61
C TRP A 8 -3.23 -0.82 -0.57
N ILE A 9 -2.70 -0.14 0.44
CA ILE A 9 -2.96 1.28 0.64
C ILE A 9 -2.32 2.17 -0.43
N PRO A 10 -1.14 1.82 -1.00
CA PRO A 10 -0.49 2.63 -2.02
C PRO A 10 -1.48 3.22 -3.01
N TYR A 11 -2.56 2.49 -3.25
CA TYR A 11 -3.60 2.93 -4.15
C TYR A 11 -4.24 4.21 -3.64
N PHE A 12 -4.60 4.22 -2.36
CA PHE A 12 -5.21 5.38 -1.73
C PHE A 12 -4.26 6.58 -1.82
N GLY A 13 -2.98 6.31 -2.05
CA GLY A 13 -1.99 7.38 -2.14
C GLY A 13 -2.38 8.44 -3.15
N PRO A 14 -2.27 8.14 -4.46
CA PRO A 14 -2.62 9.08 -5.52
C PRO A 14 -4.12 9.37 -5.58
N ALA A 15 -4.91 8.44 -5.07
CA ALA A 15 -6.37 8.59 -5.06
C ALA A 15 -6.83 9.26 -3.77
N ALA A 16 -6.22 10.38 -3.44
CA ALA A 16 -6.58 11.13 -2.23
C ALA A 16 -6.26 12.60 -2.38
N GLY A 1 -4.99 -5.56 -2.46
CA GLY A 1 -3.94 -6.36 -3.13
C GLY A 1 -3.57 -7.60 -2.34
N ALA A 2 -3.28 -7.42 -1.06
CA ALA A 2 -2.90 -8.53 -0.19
C ALA A 2 -1.65 -9.22 -0.69
N ALA A 3 -0.75 -8.44 -1.30
CA ALA A 3 0.50 -8.97 -1.83
C ALA A 3 1.47 -9.31 -0.71
N ILE A 4 1.79 -8.31 0.11
CA ILE A 4 2.72 -8.49 1.22
C ILE A 4 2.00 -8.33 2.56
N GLY A 5 0.82 -7.71 2.53
CA GLY A 5 0.07 -7.49 3.75
C GLY A 5 -0.16 -6.02 4.05
N LEU A 6 0.65 -5.17 3.41
CA LEU A 6 0.54 -3.73 3.60
C LEU A 6 0.83 -2.98 2.31
N ALA A 7 0.65 -3.66 1.18
CA ALA A 7 0.89 -3.05 -0.12
C ALA A 7 -0.41 -2.75 -0.84
N TRP A 8 -1.44 -2.41 -0.07
CA TRP A 8 -2.74 -2.10 -0.63
C TRP A 8 -3.04 -0.62 -0.50
N ILE A 9 -2.62 -0.05 0.63
CA ILE A 9 -2.86 1.36 0.92
C ILE A 9 -2.35 2.26 -0.21
N PRO A 10 -1.15 2.01 -0.78
CA PRO A 10 -0.63 2.83 -1.87
C PRO A 10 -1.70 3.18 -2.89
N TYR A 11 -2.70 2.30 -3.01
CA TYR A 11 -3.80 2.50 -3.93
C TYR A 11 -4.45 3.87 -3.71
N PHE A 12 -4.52 4.29 -2.46
CA PHE A 12 -5.10 5.57 -2.11
C PHE A 12 -4.22 6.72 -2.57
N GLY A 13 -2.91 6.53 -2.48
CA GLY A 13 -1.97 7.56 -2.89
C GLY A 13 -2.19 8.88 -2.18
N PRO A 14 -1.35 9.21 -1.19
CA PRO A 14 -1.48 10.46 -0.43
C PRO A 14 -1.16 11.69 -1.28
N ALA A 15 -2.08 12.64 -1.31
CA ALA A 15 -1.90 13.86 -2.10
C ALA A 15 -1.51 15.02 -1.19
N ALA A 16 -0.22 15.37 -1.20
CA ALA A 16 0.27 16.46 -0.37
C ALA A 16 1.65 16.92 -0.85
N GLY A 1 7.84 -9.33 8.11
CA GLY A 1 6.69 -9.59 7.20
C GLY A 1 5.77 -8.40 7.09
N ALA A 2 6.08 -7.50 6.16
CA ALA A 2 5.28 -6.30 5.94
C ALA A 2 5.43 -5.79 4.52
N ALA A 3 5.36 -6.70 3.56
CA ALA A 3 5.50 -6.33 2.15
C ALA A 3 4.19 -6.54 1.39
N ILE A 4 3.26 -7.27 2.00
CA ILE A 4 1.97 -7.54 1.37
C ILE A 4 0.82 -6.99 2.22
N GLY A 5 0.98 -7.08 3.53
CA GLY A 5 -0.04 -6.59 4.43
C GLY A 5 -0.29 -5.11 4.26
N LEU A 6 0.70 -4.40 3.70
CA LEU A 6 0.58 -2.96 3.48
C LEU A 6 0.85 -2.62 2.02
N ALA A 7 0.52 -3.54 1.12
CA ALA A 7 0.74 -3.33 -0.30
C ALA A 7 -0.57 -2.97 -1.02
N TRP A 8 -1.58 -2.61 -0.25
CA TRP A 8 -2.87 -2.23 -0.81
C TRP A 8 -3.13 -0.75 -0.62
N ILE A 9 -2.75 -0.24 0.55
CA ILE A 9 -2.94 1.16 0.87
C ILE A 9 -2.36 2.10 -0.19
N PRO A 10 -1.15 1.83 -0.72
CA PRO A 10 -0.54 2.68 -1.75
C PRO A 10 -1.56 3.12 -2.79
N TYR A 11 -2.59 2.28 -2.99
CA TYR A 11 -3.64 2.57 -3.94
C TYR A 11 -4.28 3.92 -3.66
N PHE A 12 -4.45 4.23 -2.37
CA PHE A 12 -5.05 5.50 -1.96
C PHE A 12 -4.03 6.63 -2.03
N GLY A 13 -2.78 6.31 -1.77
CA GLY A 13 -1.73 7.32 -1.81
C GLY A 13 -1.06 7.53 -0.46
N PRO A 14 0.13 6.92 -0.25
CA PRO A 14 0.86 7.05 1.01
C PRO A 14 1.30 8.48 1.28
N ALA A 15 0.46 9.22 2.00
CA ALA A 15 0.76 10.61 2.34
C ALA A 15 0.20 10.98 3.71
N ALA A 16 0.86 10.49 4.76
CA ALA A 16 0.44 10.77 6.12
C ALA A 16 -0.99 10.28 6.36
N GLY A 1 -0.53 -6.27 -0.81
CA GLY A 1 0.08 -7.17 0.21
C GLY A 1 0.80 -8.35 -0.41
N ALA A 2 1.73 -8.08 -1.31
CA ALA A 2 2.49 -9.13 -1.98
C ALA A 2 3.97 -9.01 -1.69
N ALA A 3 4.30 -8.60 -0.46
CA ALA A 3 5.69 -8.43 -0.06
C ALA A 3 5.79 -8.05 1.41
N ILE A 4 4.96 -7.11 1.83
CA ILE A 4 4.96 -6.65 3.22
C ILE A 4 3.62 -6.94 3.89
N GLY A 5 2.60 -7.25 3.09
CA GLY A 5 1.29 -7.52 3.63
C GLY A 5 0.47 -6.25 3.80
N LEU A 6 1.08 -5.10 3.51
CA LEU A 6 0.40 -3.83 3.63
C LEU A 6 0.57 -3.00 2.37
N ALA A 7 0.75 -3.69 1.24
CA ALA A 7 0.92 -3.01 -0.05
C ALA A 7 -0.41 -2.86 -0.76
N TRP A 8 -1.40 -2.37 -0.03
CA TRP A 8 -2.73 -2.16 -0.58
C TRP A 8 -3.09 -0.69 -0.51
N ILE A 9 -2.66 -0.05 0.57
CA ILE A 9 -2.92 1.36 0.81
C ILE A 9 -2.39 2.25 -0.32
N PRO A 10 -1.20 1.96 -0.89
CA PRO A 10 -0.64 2.78 -1.98
C PRO A 10 -1.71 3.18 -2.98
N TYR A 11 -2.73 2.34 -3.12
CA TYR A 11 -3.83 2.61 -4.04
C TYR A 11 -4.40 4.00 -3.78
N PHE A 12 -4.59 4.33 -2.51
CA PHE A 12 -5.13 5.63 -2.13
C PHE A 12 -4.02 6.68 -2.09
N GLY A 13 -2.82 6.24 -1.75
CA GLY A 13 -1.68 7.16 -1.68
C GLY A 13 -0.36 6.44 -1.60
N PRO A 14 0.31 6.22 -2.74
CA PRO A 14 1.61 5.52 -2.77
C PRO A 14 2.63 6.16 -1.83
N ALA A 15 3.30 5.33 -1.05
CA ALA A 15 4.30 5.82 -0.10
C ALA A 15 5.52 6.39 -0.83
N ALA A 16 6.52 6.80 -0.07
CA ALA A 16 7.74 7.37 -0.64
C ALA A 16 7.42 8.62 -1.46
N GLY A 1 5.63 -7.07 5.85
CA GLY A 1 5.10 -5.88 6.55
C GLY A 1 4.82 -6.15 8.01
N ALA A 2 3.95 -5.35 8.61
CA ALA A 2 3.61 -5.50 10.02
C ALA A 2 2.47 -6.50 10.20
N ALA A 3 1.59 -6.58 9.20
CA ALA A 3 0.46 -7.49 9.26
C ALA A 3 0.42 -8.39 8.02
N ILE A 4 -0.04 -7.82 6.91
CA ILE A 4 -0.12 -8.56 5.65
C ILE A 4 0.90 -8.05 4.64
N GLY A 5 1.39 -6.84 4.85
CA GLY A 5 2.37 -6.27 3.95
C GLY A 5 2.07 -4.82 3.60
N LEU A 6 0.83 -4.38 3.87
CA LEU A 6 0.43 -3.01 3.59
C LEU A 6 0.73 -2.63 2.14
N ALA A 7 0.61 -3.61 1.24
CA ALA A 7 0.87 -3.39 -0.17
C ALA A 7 -0.43 -3.17 -0.93
N TRP A 8 -1.42 -2.62 -0.25
CA TRP A 8 -2.72 -2.36 -0.85
C TRP A 8 -3.09 -0.90 -0.70
N ILE A 9 -2.71 -0.33 0.44
CA ILE A 9 -3.00 1.06 0.76
C ILE A 9 -2.46 2.03 -0.30
N PRO A 10 -1.25 1.80 -0.88
CA PRO A 10 -0.68 2.69 -1.89
C PRO A 10 -1.74 3.18 -2.87
N TYR A 11 -2.77 2.37 -3.09
CA TYR A 11 -3.85 2.70 -4.00
C TYR A 11 -4.42 4.08 -3.65
N PHE A 12 -4.40 4.42 -2.36
CA PHE A 12 -4.92 5.70 -1.90
C PHE A 12 -3.78 6.72 -1.85
N GLY A 13 -2.59 6.25 -1.50
CA GLY A 13 -1.43 7.12 -1.41
C GLY A 13 -1.14 7.85 -2.71
N PRO A 14 -1.46 9.15 -2.81
CA PRO A 14 -1.22 9.94 -4.01
C PRO A 14 0.26 10.23 -4.22
N ALA A 15 0.68 10.24 -5.49
CA ALA A 15 2.08 10.50 -5.83
C ALA A 15 3.00 9.47 -5.18
N ALA A 16 4.30 9.68 -5.34
CA ALA A 16 5.30 8.78 -4.77
C ALA A 16 6.19 9.50 -3.77
N GLY A 1 1.50 -9.61 6.39
CA GLY A 1 2.71 -9.22 7.17
C GLY A 1 2.99 -7.73 7.08
N ALA A 2 4.26 -7.38 6.85
CA ALA A 2 4.66 -5.98 6.75
C ALA A 2 5.51 -5.75 5.51
N ALA A 3 5.23 -6.51 4.46
CA ALA A 3 5.97 -6.38 3.21
C ALA A 3 5.05 -6.49 2.00
N ILE A 4 4.15 -7.48 2.04
CA ILE A 4 3.20 -7.69 0.94
C ILE A 4 1.77 -7.49 1.41
N GLY A 5 1.53 -7.79 2.68
CA GLY A 5 0.20 -7.63 3.24
C GLY A 5 -0.15 -6.18 3.49
N LEU A 6 0.86 -5.31 3.41
CA LEU A 6 0.64 -3.87 3.63
C LEU A 6 0.95 -3.09 2.36
N ALA A 7 0.60 -3.65 1.22
CA ALA A 7 0.83 -2.99 -0.06
C ALA A 7 -0.49 -2.72 -0.79
N TRP A 8 -1.51 -2.36 -0.02
CA TRP A 8 -2.81 -2.07 -0.58
C TRP A 8 -3.12 -0.58 -0.49
N ILE A 9 -2.69 0.02 0.63
CA ILE A 9 -2.93 1.44 0.86
C ILE A 9 -2.38 2.31 -0.26
N PRO A 10 -1.17 2.04 -0.79
CA PRO A 10 -0.59 2.83 -1.88
C PRO A 10 -1.64 3.18 -2.94
N TYR A 11 -2.64 2.32 -3.06
CA TYR A 11 -3.72 2.52 -4.02
C TYR A 11 -4.39 3.88 -3.80
N PHE A 12 -4.56 4.25 -2.53
CA PHE A 12 -5.19 5.51 -2.17
C PHE A 12 -4.22 6.67 -2.33
N GLY A 13 -2.95 6.41 -2.06
CA GLY A 13 -1.94 7.46 -2.17
C GLY A 13 -1.13 7.62 -0.90
N PRO A 14 0.11 7.09 -0.87
CA PRO A 14 0.98 7.18 0.30
C PRO A 14 1.74 8.50 0.35
N ALA A 15 2.28 8.91 -0.79
CA ALA A 15 3.04 10.15 -0.87
C ALA A 15 4.28 10.11 0.03
N ALA A 16 5.18 11.06 -0.19
CA ALA A 16 6.41 11.12 0.61
C ALA A 16 7.25 9.85 0.43
N GLY A 1 5.75 -0.22 4.62
CA GLY A 1 6.16 -0.73 3.29
C GLY A 1 5.12 -1.66 2.67
N ALA A 2 5.40 -2.15 1.47
CA ALA A 2 4.48 -3.06 0.78
C ALA A 2 4.95 -4.50 0.90
N ALA A 3 5.71 -4.79 1.95
CA ALA A 3 6.22 -6.15 2.17
C ALA A 3 5.65 -6.74 3.46
N ILE A 4 5.34 -5.87 4.41
CA ILE A 4 4.79 -6.30 5.69
C ILE A 4 3.31 -6.67 5.56
N GLY A 5 2.73 -6.42 4.38
CA GLY A 5 1.34 -6.73 4.17
C GLY A 5 0.53 -5.49 3.83
N LEU A 6 1.17 -4.32 3.90
CA LEU A 6 0.50 -3.06 3.60
C LEU A 6 0.75 -2.66 2.15
N ALA A 7 0.53 -3.62 1.24
CA ALA A 7 0.72 -3.38 -0.18
C ALA A 7 -0.61 -3.18 -0.90
N TRP A 8 -1.56 -2.58 -0.21
CA TRP A 8 -2.88 -2.32 -0.77
C TRP A 8 -3.22 -0.84 -0.67
N ILE A 9 -2.78 -0.23 0.42
CA ILE A 9 -3.02 1.17 0.68
C ILE A 9 -2.40 2.10 -0.38
N PRO A 10 -1.19 1.77 -0.91
CA PRO A 10 -0.54 2.62 -1.92
C PRO A 10 -1.52 3.16 -2.95
N TYR A 11 -2.60 2.41 -3.18
CA TYR A 11 -3.64 2.82 -4.10
C TYR A 11 -4.23 4.16 -3.68
N PHE A 12 -4.52 4.28 -2.38
CA PHE A 12 -5.10 5.50 -1.84
C PHE A 12 -4.01 6.54 -1.57
N GLY A 13 -2.83 6.06 -1.17
CA GLY A 13 -1.72 6.96 -0.89
C GLY A 13 -0.87 6.48 0.27
N PRO A 14 0.34 5.98 0.01
CA PRO A 14 1.24 5.49 1.06
C PRO A 14 1.47 6.52 2.16
N ALA A 15 0.60 6.52 3.16
CA ALA A 15 0.71 7.46 4.27
C ALA A 15 0.77 8.90 3.77
N ALA A 16 1.13 9.82 4.67
CA ALA A 16 1.23 11.23 4.32
C ALA A 16 2.21 11.95 5.24
N GLY A 1 9.07 -3.75 1.08
CA GLY A 1 9.11 -5.18 1.48
C GLY A 1 7.77 -5.86 1.35
N ALA A 2 6.72 -5.24 1.88
CA ALA A 2 5.38 -5.78 1.81
C ALA A 2 5.31 -7.16 2.47
N ALA A 3 5.96 -7.28 3.63
CA ALA A 3 5.97 -8.54 4.37
C ALA A 3 4.69 -8.70 5.18
N ILE A 4 4.18 -7.59 5.71
CA ILE A 4 2.97 -7.61 6.51
C ILE A 4 1.72 -7.47 5.65
N GLY A 5 1.89 -7.57 4.33
CA GLY A 5 0.76 -7.44 3.43
C GLY A 5 0.21 -6.02 3.39
N LEU A 6 1.06 -5.06 3.71
CA LEU A 6 0.66 -3.66 3.69
C LEU A 6 0.97 -3.01 2.34
N ALA A 7 0.55 -3.69 1.28
CA ALA A 7 0.78 -3.19 -0.08
C ALA A 7 -0.55 -2.99 -0.81
N TRP A 8 -1.52 -2.42 -0.10
CA TRP A 8 -2.84 -2.16 -0.66
C TRP A 8 -3.17 -0.69 -0.57
N ILE A 9 -2.71 -0.07 0.51
CA ILE A 9 -2.96 1.34 0.76
C ILE A 9 -2.37 2.26 -0.33
N PRO A 10 -1.17 1.95 -0.88
CA PRO A 10 -0.56 2.77 -1.93
C PRO A 10 -1.57 3.21 -2.98
N TYR A 11 -2.63 2.42 -3.13
CA TYR A 11 -3.70 2.72 -4.07
C TYR A 11 -4.32 4.08 -3.76
N PHE A 12 -4.64 4.29 -2.49
CA PHE A 12 -5.24 5.55 -2.06
C PHE A 12 -4.24 6.70 -2.10
N GLY A 13 -2.95 6.36 -2.03
CA GLY A 13 -1.92 7.38 -2.06
C GLY A 13 -0.63 6.93 -1.41
N PRO A 14 0.43 6.67 -2.20
CA PRO A 14 1.72 6.23 -1.67
C PRO A 14 2.51 7.38 -1.05
N ALA A 15 3.31 7.07 -0.04
CA ALA A 15 4.12 8.08 0.63
C ALA A 15 3.24 9.18 1.23
N ALA A 16 3.88 10.23 1.74
CA ALA A 16 3.15 11.34 2.34
C ALA A 16 2.33 10.88 3.54
N GLY A 1 7.62 -4.35 0.57
CA GLY A 1 6.35 -3.66 0.23
C GLY A 1 5.13 -4.48 0.58
N ALA A 2 5.21 -5.79 0.33
CA ALA A 2 4.10 -6.69 0.62
C ALA A 2 4.50 -7.73 1.67
N ALA A 3 5.41 -7.34 2.57
CA ALA A 3 5.88 -8.24 3.61
C ALA A 3 4.99 -8.14 4.85
N ILE A 4 4.74 -6.92 5.31
CA ILE A 4 3.92 -6.69 6.47
C ILE A 4 2.43 -6.70 6.12
N GLY A 5 2.12 -6.95 4.84
CA GLY A 5 0.74 -6.97 4.41
C GLY A 5 0.21 -5.59 4.10
N LEU A 6 1.12 -4.63 3.95
CA LEU A 6 0.74 -3.25 3.66
C LEU A 6 1.07 -2.90 2.20
N ALA A 7 0.44 -3.61 1.28
CA ALA A 7 0.67 -3.37 -0.15
C ALA A 7 -0.65 -3.17 -0.87
N TRP A 8 -1.60 -2.53 -0.21
CA TRP A 8 -2.91 -2.26 -0.79
C TRP A 8 -3.23 -0.78 -0.68
N ILE A 9 -2.80 -0.19 0.42
CA ILE A 9 -3.05 1.22 0.69
C ILE A 9 -2.41 2.15 -0.36
N PRO A 10 -1.19 1.83 -0.88
CA PRO A 10 -0.53 2.67 -1.88
C PRO A 10 -1.50 3.21 -2.91
N TYR A 11 -2.57 2.46 -3.14
CA TYR A 11 -3.60 2.85 -4.09
C TYR A 11 -4.22 4.19 -3.66
N PHE A 12 -4.56 4.28 -2.38
CA PHE A 12 -5.16 5.49 -1.84
C PHE A 12 -4.24 6.69 -2.03
N GLY A 13 -2.93 6.43 -2.02
CA GLY A 13 -1.96 7.49 -2.19
C GLY A 13 -0.74 7.30 -1.33
N PRO A 14 -0.74 7.80 -0.08
CA PRO A 14 0.39 7.68 0.83
C PRO A 14 0.55 6.25 1.37
N ALA A 15 1.64 5.61 0.98
CA ALA A 15 1.92 4.24 1.42
C ALA A 15 3.12 4.19 2.34
N ALA A 16 2.97 4.74 3.55
CA ALA A 16 4.04 4.76 4.52
C ALA A 16 3.55 5.25 5.88
N GLY A 1 -2.52 -6.67 0.30
CA GLY A 1 -1.80 -7.02 1.55
C GLY A 1 -1.37 -8.48 1.59
N ALA A 2 -0.75 -8.93 0.51
CA ALA A 2 -0.28 -10.32 0.41
C ALA A 2 1.24 -10.38 0.42
N ALA A 3 1.87 -9.48 -0.32
CA ALA A 3 3.32 -9.43 -0.40
C ALA A 3 3.93 -9.00 0.92
N ILE A 4 3.51 -7.83 1.40
CA ILE A 4 4.01 -7.30 2.66
C ILE A 4 2.89 -7.12 3.67
N GLY A 5 1.65 -7.33 3.22
CA GLY A 5 0.51 -7.16 4.10
C GLY A 5 0.03 -5.72 4.13
N LEU A 6 0.86 -4.81 3.63
CA LEU A 6 0.52 -3.39 3.60
C LEU A 6 0.74 -2.81 2.20
N ALA A 7 0.66 -3.68 1.19
CA ALA A 7 0.84 -3.24 -0.19
C ALA A 7 -0.49 -3.04 -0.89
N TRP A 8 -1.45 -2.47 -0.16
CA TRP A 8 -2.78 -2.21 -0.70
C TRP A 8 -3.12 -0.74 -0.55
N ILE A 9 -2.66 -0.16 0.56
CA ILE A 9 -2.92 1.24 0.86
C ILE A 9 -2.37 2.18 -0.21
N PRO A 10 -1.18 1.91 -0.80
CA PRO A 10 -0.61 2.78 -1.84
C PRO A 10 -1.67 3.20 -2.86
N TYR A 11 -2.67 2.34 -3.03
CA TYR A 11 -3.77 2.60 -3.94
C TYR A 11 -4.33 4.00 -3.73
N PHE A 12 -4.59 4.32 -2.46
CA PHE A 12 -5.12 5.63 -2.10
C PHE A 12 -4.05 6.71 -2.22
N GLY A 13 -2.80 6.32 -2.00
CA GLY A 13 -1.71 7.27 -2.07
C GLY A 13 -0.72 6.92 -3.17
N PRO A 14 -1.14 6.97 -4.44
CA PRO A 14 -0.27 6.65 -5.57
C PRO A 14 0.78 7.73 -5.83
N ALA A 15 2.03 7.31 -6.00
CA ALA A 15 3.12 8.24 -6.24
C ALA A 15 3.25 8.56 -7.73
N ALA A 16 3.16 9.83 -8.07
CA ALA A 16 3.27 10.27 -9.47
C ALA A 16 2.18 9.64 -10.32
N GLY A 1 -0.20 -7.48 -1.61
CA GLY A 1 -1.30 -8.16 -0.87
C GLY A 1 -0.81 -9.30 -0.01
N ALA A 2 0.29 -9.93 -0.45
CA ALA A 2 0.87 -11.05 0.29
C ALA A 2 2.38 -10.97 0.30
N ALA A 3 2.91 -9.75 0.28
CA ALA A 3 4.36 -9.53 0.30
C ALA A 3 4.78 -8.80 1.56
N ILE A 4 4.14 -7.67 1.83
CA ILE A 4 4.46 -6.86 3.01
C ILE A 4 3.27 -6.79 3.96
N GLY A 5 2.10 -7.23 3.49
CA GLY A 5 0.92 -7.19 4.32
C GLY A 5 0.33 -5.79 4.38
N LEU A 6 0.97 -4.84 3.69
CA LEU A 6 0.49 -3.46 3.67
C LEU A 6 0.66 -2.85 2.28
N ALA A 7 0.67 -3.70 1.26
CA ALA A 7 0.82 -3.25 -0.12
C ALA A 7 -0.54 -3.09 -0.79
N TRP A 8 -1.46 -2.44 -0.10
CA TRP A 8 -2.80 -2.20 -0.62
C TRP A 8 -3.14 -0.72 -0.56
N ILE A 9 -2.65 -0.07 0.49
CA ILE A 9 -2.91 1.35 0.71
C ILE A 9 -2.32 2.23 -0.39
N PRO A 10 -1.13 1.91 -0.96
CA PRO A 10 -0.53 2.71 -2.03
C PRO A 10 -1.56 3.19 -3.05
N TYR A 11 -2.63 2.42 -3.19
CA TYR A 11 -3.71 2.75 -4.09
C TYR A 11 -4.34 4.09 -3.71
N PHE A 12 -4.62 4.25 -2.42
CA PHE A 12 -5.22 5.47 -1.92
C PHE A 12 -4.18 6.60 -1.80
N GLY A 13 -2.92 6.22 -1.69
CA GLY A 13 -1.86 7.20 -1.57
C GLY A 13 -1.82 8.16 -2.76
N PRO A 14 -0.82 8.02 -3.65
CA PRO A 14 -0.69 8.89 -4.82
C PRO A 14 -1.83 8.69 -5.81
N ALA A 15 -1.78 9.44 -6.92
CA ALA A 15 -2.81 9.35 -7.94
C ALA A 15 -2.47 8.27 -8.97
N ALA A 16 -2.77 7.02 -8.62
CA ALA A 16 -2.49 5.90 -9.52
C ALA A 16 -3.75 5.08 -9.77
#